data_6D4U
#
_entry.id   6D4U
#
_cell.length_a   88.721
_cell.length_b   88.721
_cell.length_c   84.552
_cell.angle_alpha   90.00
_cell.angle_beta   90.00
_cell.angle_gamma   90.00
#
_symmetry.space_group_name_H-M   'I 4'
#
loop_
_entity.id
_entity.type
_entity.pdbx_description
1 polymer "Inosine-5'-monophosphate dehydrogenase,Inosine-5'-monophosphate dehydrogenase"
2 non-polymer 'INOSINIC ACID'
3 non-polymer 2-(2,4-dimethoxyphenyl)-1-{4-[(isoquinolin-5-yl)sulfonyl]piperazin-1-yl}ethan-1-one
4 water water
#
_entity_poly.entity_id   1
_entity_poly.type   'polypeptide(L)'
_entity_poly.pdbx_seq_one_letter_code
;GSSIAERSVPIAVPVPTGGDDPTKIAMLGLTFDDVLLLPAASDVLPANADTSSQLTKKIRLKVPLVSSAMDTVTEARMAI
AMARAGGMGVLHRNLPVAEQAAQVETVKRSGGLLVGAAVGVGDDAWERAMALRDAGVDVLVVDTAHAHNRKVLDMVHRLK
TTVGDEIEVVGGNVATRAAAAALVEAGADAVKVGVGPGSICTTRVVAGVGAPQITAILEAVAACAPHGVPVIADGGLQYS
GDIAKALAAGASTAMLGSLLAGTAESPGELILVNGKQFKSYRGMGSLGAMQGRGGAKSYSKDRYFQDDALSEDKLVPEGI
EGRVPFRGPLSTVIHQLVGGLRAAMGYTGSATIEELQQAQFVQITAAGLKESHPHDITMTVEAPNYYAR
;
_entity_poly.pdbx_strand_id   A
#
# COMPACT_ATOMS: atom_id res chain seq x y z
N VAL A 15 4.18 7.80 -36.45
CA VAL A 15 4.08 7.00 -35.24
C VAL A 15 3.27 5.73 -35.54
N PRO A 16 3.87 4.55 -35.26
CA PRO A 16 3.31 3.25 -35.64
C PRO A 16 1.93 2.96 -35.08
N THR A 17 1.56 3.56 -33.96
CA THR A 17 0.25 3.30 -33.37
C THR A 17 -0.74 4.41 -33.68
N GLY A 18 -0.29 5.41 -34.44
CA GLY A 18 -1.21 6.40 -34.96
C GLY A 18 -0.90 7.83 -34.57
N GLY A 19 -1.25 8.74 -35.46
CA GLY A 19 -0.98 10.16 -35.24
C GLY A 19 0.48 10.46 -35.54
N ASP A 20 0.90 11.68 -35.21
CA ASP A 20 2.26 12.12 -35.51
C ASP A 20 3.05 12.48 -34.24
N ASP A 21 2.41 12.28 -33.09
CA ASP A 21 3.00 12.64 -31.81
C ASP A 21 3.49 11.39 -31.06
N PRO A 22 4.82 11.21 -30.99
CA PRO A 22 5.41 10.06 -30.29
C PRO A 22 5.11 10.04 -28.80
N THR A 23 4.74 11.18 -28.24
CA THR A 23 4.54 11.28 -26.80
C THR A 23 3.09 11.02 -26.39
N LYS A 24 2.18 10.89 -27.36
CA LYS A 24 0.77 10.68 -27.05
C LYS A 24 0.60 9.41 -26.25
N ILE A 25 1.27 8.36 -26.68
CA ILE A 25 1.34 7.13 -25.91
C ILE A 25 2.73 7.14 -25.27
N ALA A 26 2.74 7.50 -23.99
CA ALA A 26 3.94 7.95 -23.28
C ALA A 26 4.85 6.83 -22.83
N MET A 27 4.28 5.64 -22.67
CA MET A 27 5.03 4.48 -22.17
C MET A 27 4.28 3.18 -22.38
N LEU A 28 4.99 2.08 -22.17
CA LEU A 28 4.38 0.75 -22.17
C LEU A 28 4.32 0.31 -20.71
N GLY A 29 3.13 0.17 -20.17
CA GLY A 29 3.00 -0.07 -18.74
C GLY A 29 2.94 -1.56 -18.43
N LEU A 30 3.82 -2.01 -17.54
CA LEU A 30 3.84 -3.39 -17.09
C LEU A 30 3.18 -3.55 -15.74
N THR A 31 2.45 -4.65 -15.58
CA THR A 31 1.85 -4.99 -14.30
C THR A 31 2.64 -6.16 -13.71
N PHE A 32 2.27 -6.61 -12.51
CA PHE A 32 3.04 -7.65 -11.85
C PHE A 32 3.12 -8.90 -12.71
N ASP A 33 2.03 -9.26 -13.37
CA ASP A 33 2.00 -10.49 -14.16
C ASP A 33 2.89 -10.44 -15.41
N ASP A 34 3.36 -9.25 -15.78
CA ASP A 34 4.22 -9.08 -16.95
C ASP A 34 5.69 -9.42 -16.69
N VAL A 35 6.09 -9.60 -15.43
CA VAL A 35 7.50 -9.80 -15.13
C VAL A 35 7.72 -10.94 -14.14
N LEU A 36 8.93 -11.48 -14.16
CA LEU A 36 9.39 -12.40 -13.13
C LEU A 36 10.76 -11.92 -12.67
N LEU A 37 11.10 -12.21 -11.41
CA LEU A 37 12.45 -11.98 -10.91
C LEU A 37 13.41 -13.04 -11.43
N LEU A 38 14.54 -12.59 -11.97
CA LEU A 38 15.61 -13.49 -12.38
C LEU A 38 16.42 -13.96 -11.17
N PRO A 39 16.68 -15.27 -11.10
CA PRO A 39 17.58 -15.75 -10.05
C PRO A 39 18.96 -15.15 -10.23
N ALA A 40 19.74 -15.05 -9.15
CA ALA A 40 21.07 -14.48 -9.25
C ALA A 40 21.96 -15.22 -8.29
N ALA A 41 23.25 -15.04 -8.38
CA ALA A 41 24.14 -15.62 -7.42
C ALA A 41 23.70 -15.37 -6.01
N SER A 42 23.66 -16.40 -5.22
CA SER A 42 23.15 -16.27 -3.90
C SER A 42 23.84 -17.10 -2.85
N ASP A 43 24.23 -16.44 -1.79
CA ASP A 43 24.57 -17.18 -0.60
C ASP A 43 23.61 -16.91 0.57
N VAL A 44 22.45 -16.37 0.26
CA VAL A 44 21.45 -16.05 1.23
C VAL A 44 20.45 -17.15 1.37
N LEU A 45 20.30 -17.69 2.55
CA LEU A 45 19.23 -18.64 2.86
C LEU A 45 17.99 -17.84 3.17
N PRO A 46 16.84 -18.25 2.60
CA PRO A 46 15.56 -17.59 2.88
C PRO A 46 15.34 -17.35 4.37
N ALA A 47 15.65 -18.36 5.19
CA ALA A 47 15.48 -18.27 6.63
C ALA A 47 16.31 -17.14 7.28
N ASN A 48 17.41 -16.77 6.62
CA ASN A 48 18.34 -15.79 7.19
C ASN A 48 18.26 -14.41 6.56
N ALA A 49 17.45 -14.26 5.52
CA ALA A 49 17.27 -12.93 4.93
C ALA A 49 16.71 -11.94 5.98
N ASP A 50 17.07 -10.68 5.83
CA ASP A 50 16.59 -9.59 6.66
C ASP A 50 15.44 -8.93 5.93
N THR A 51 14.21 -9.08 6.43
CA THR A 51 13.03 -8.57 5.72
C THR A 51 12.65 -7.14 6.14
N SER A 52 13.46 -6.52 7.00
CA SER A 52 13.12 -5.18 7.51
C SER A 52 13.22 -4.15 6.40
N SER A 53 12.40 -3.10 6.48
CA SER A 53 12.41 -2.08 5.44
C SER A 53 11.79 -0.78 5.91
N GLN A 54 12.13 0.34 5.26
CA GLN A 54 11.58 1.62 5.65
C GLN A 54 10.13 1.77 5.24
N LEU A 55 9.25 2.02 6.21
CA LEU A 55 7.90 2.44 5.91
C LEU A 55 7.92 3.91 5.51
N THR A 56 8.63 4.70 6.31
CA THR A 56 8.84 6.12 6.07
C THR A 56 10.33 6.44 6.23
N LYS A 57 10.70 7.70 6.02
CA LYS A 57 12.08 8.12 6.25
C LYS A 57 12.61 7.67 7.62
N LYS A 58 11.77 7.74 8.66
CA LYS A 58 12.23 7.44 10.02
C LYS A 58 11.80 6.08 10.56
N ILE A 59 10.71 5.54 10.04
CA ILE A 59 10.16 4.31 10.61
C ILE A 59 10.52 3.07 9.79
N ARG A 60 11.19 2.12 10.43
CA ARG A 60 11.55 0.86 9.81
C ARG A 60 10.72 -0.29 10.40
N LEU A 61 10.07 -1.07 9.55
CA LEU A 61 9.30 -2.22 9.98
C LEU A 61 10.09 -3.51 9.89
N LYS A 62 9.76 -4.50 10.72
CA LYS A 62 10.42 -5.79 10.66
C LYS A 62 9.99 -6.58 9.43
N VAL A 63 8.73 -6.38 9.05
CA VAL A 63 8.22 -6.97 7.82
CA VAL A 63 8.12 -6.99 7.87
C VAL A 63 7.55 -5.85 7.01
N PRO A 64 7.85 -5.85 5.70
CA PRO A 64 7.56 -4.67 4.86
C PRO A 64 6.15 -4.64 4.35
N LEU A 65 5.18 -4.82 5.24
CA LEU A 65 3.80 -4.93 4.83
C LEU A 65 2.90 -4.06 5.70
N VAL A 66 2.00 -3.33 5.07
CA VAL A 66 0.99 -2.57 5.80
C VAL A 66 -0.39 -2.92 5.29
N SER A 67 -1.40 -2.82 6.16
CA SER A 67 -2.75 -3.17 5.70
C SER A 67 -3.50 -1.92 5.24
N SER A 68 -4.33 -2.11 4.21
CA SER A 68 -5.06 -1.03 3.56
C SER A 68 -5.99 -0.30 4.51
N ALA A 69 -6.10 1.01 4.30
CA ALA A 69 -7.04 1.83 5.06
C ALA A 69 -8.45 1.64 4.51
N MET A 70 -9.04 0.48 4.77
CA MET A 70 -10.35 0.17 4.21
C MET A 70 -11.22 -0.39 5.32
N ASP A 71 -12.53 -0.20 5.22
CA ASP A 71 -13.40 -0.60 6.34
C ASP A 71 -13.77 -2.08 6.29
N THR A 72 -13.24 -2.83 5.33
CA THR A 72 -13.34 -4.29 5.38
C THR A 72 -11.95 -4.89 5.54
N VAL A 73 -10.97 -4.07 5.93
CA VAL A 73 -9.61 -4.56 6.14
C VAL A 73 -9.02 -4.16 7.50
N THR A 74 -8.94 -2.86 7.80
CA THR A 74 -8.21 -2.42 9.00
C THR A 74 -8.99 -1.58 10.01
N GLU A 75 -9.38 -2.21 11.12
CA GLU A 75 -9.74 -1.47 12.33
C GLU A 75 -8.76 -1.86 13.42
N ALA A 76 -9.09 -1.60 14.69
CA ALA A 76 -8.10 -1.79 15.73
C ALA A 76 -7.55 -3.22 15.79
N ARG A 77 -8.43 -4.21 15.63
CA ARG A 77 -8.01 -5.60 15.75
C ARG A 77 -6.95 -5.97 14.72
N MET A 78 -7.17 -5.52 13.48
CA MET A 78 -6.18 -5.74 12.42
C MET A 78 -4.87 -4.96 12.65
N ALA A 79 -4.98 -3.69 13.07
CA ALA A 79 -3.81 -2.88 13.31
C ALA A 79 -2.94 -3.51 14.40
N ILE A 80 -3.58 -4.05 15.43
CA ILE A 80 -2.85 -4.67 16.51
C ILE A 80 -2.10 -5.91 15.99
N ALA A 81 -2.81 -6.74 15.23
CA ALA A 81 -2.23 -7.98 14.72
C ALA A 81 -1.10 -7.69 13.73
N MET A 82 -1.30 -6.70 12.87
CA MET A 82 -0.26 -6.29 11.91
C MET A 82 1.03 -5.84 12.59
N ALA A 83 0.90 -4.94 13.56
CA ALA A 83 2.03 -4.47 14.35
C ALA A 83 2.74 -5.62 15.06
N ARG A 84 1.96 -6.53 15.64
CA ARG A 84 2.54 -7.68 16.34
C ARG A 84 3.30 -8.61 15.40
N ALA A 85 2.85 -8.68 14.15
CA ALA A 85 3.50 -9.49 13.13
C ALA A 85 4.73 -8.78 12.54
N GLY A 86 4.95 -7.53 12.93
CA GLY A 86 6.11 -6.79 12.49
C GLY A 86 5.84 -5.78 11.38
N GLY A 87 4.57 -5.64 11.02
CA GLY A 87 4.14 -4.67 10.02
C GLY A 87 3.41 -3.50 10.67
N MET A 88 2.40 -2.97 9.98
CA MET A 88 1.59 -1.89 10.55
C MET A 88 0.23 -1.86 9.87
N GLY A 89 -0.77 -1.37 10.59
CA GLY A 89 -2.09 -1.18 10.04
C GLY A 89 -2.34 0.30 9.80
N VAL A 90 -3.09 0.63 8.75
CA VAL A 90 -3.54 2.01 8.59
C VAL A 90 -5.04 2.01 8.81
N LEU A 91 -5.47 2.59 9.92
CA LEU A 91 -6.89 2.64 10.24
C LEU A 91 -7.71 3.43 9.21
N HIS A 92 -8.80 2.86 8.73
CA HIS A 92 -9.61 3.56 7.74
C HIS A 92 -10.30 4.80 8.35
N ARG A 93 -10.82 5.67 7.49
CA ARG A 93 -11.38 6.94 7.95
C ARG A 93 -12.87 7.07 7.63
N ASN A 94 -13.50 5.95 7.32
CA ASN A 94 -14.94 5.93 7.03
C ASN A 94 -15.75 5.77 8.30
N LEU A 95 -15.59 6.71 9.21
CA LEU A 95 -16.26 6.67 10.51
C LEU A 95 -15.98 7.99 11.21
N PRO A 96 -16.76 8.32 12.26
CA PRO A 96 -16.52 9.60 12.94
C PRO A 96 -15.10 9.76 13.50
N VAL A 97 -14.65 11.00 13.61
CA VAL A 97 -13.32 11.31 14.10
C VAL A 97 -13.04 10.74 15.49
N ALA A 98 -14.02 10.83 16.39
CA ALA A 98 -13.85 10.32 17.74
C ALA A 98 -13.67 8.80 17.76
N GLU A 99 -14.32 8.11 16.83
CA GLU A 99 -14.24 6.65 16.78
C GLU A 99 -12.88 6.21 16.25
N GLN A 100 -12.38 6.91 15.25
CA GLN A 100 -11.08 6.59 14.68
C GLN A 100 -9.98 6.84 15.68
N ALA A 101 -10.07 7.97 16.37
CA ALA A 101 -9.09 8.32 17.39
C ALA A 101 -9.11 7.31 18.52
N ALA A 102 -10.31 6.85 18.87
CA ALA A 102 -10.46 5.82 19.90
C ALA A 102 -9.88 4.48 19.48
N GLN A 103 -9.86 4.20 18.18
CA GLN A 103 -9.24 2.97 17.71
C GLN A 103 -7.73 3.08 17.82
N VAL A 104 -7.19 4.28 17.61
CA VAL A 104 -5.76 4.55 17.77
C VAL A 104 -5.38 4.27 19.23
N GLU A 105 -6.21 4.79 20.12
CA GLU A 105 -6.00 4.60 21.56
C GLU A 105 -6.03 3.11 21.92
N THR A 106 -6.96 2.37 21.32
CA THR A 106 -7.05 0.93 21.57
C THR A 106 -5.77 0.21 21.17
N VAL A 107 -5.18 0.59 20.04
CA VAL A 107 -3.96 -0.01 19.56
C VAL A 107 -2.76 0.32 20.46
N LYS A 108 -2.63 1.59 20.85
CA LYS A 108 -1.49 2.01 21.63
C LYS A 108 -1.54 1.44 23.04
N ARG A 109 -2.72 1.02 23.44
CA ARG A 109 -3.02 0.41 24.72
C ARG A 109 -2.51 -1.04 24.78
N SER A 110 -2.26 -1.58 23.61
CA SER A 110 -1.91 -2.98 23.49
C SER A 110 -0.39 -3.16 23.53
N GLY A 111 0.29 -2.19 24.14
CA GLY A 111 1.74 -2.19 24.19
C GLY A 111 2.31 -1.16 23.23
N GLY A 112 3.63 -1.14 23.09
CA GLY A 112 4.29 -0.22 22.20
C GLY A 112 4.15 -0.67 20.76
N LEU A 113 2.97 -0.44 20.18
CA LEU A 113 2.69 -0.87 18.83
C LEU A 113 2.56 0.32 17.88
N LEU A 114 3.22 0.22 16.73
CA LEU A 114 3.08 1.23 15.69
C LEU A 114 1.67 1.21 15.13
N VAL A 115 1.14 2.39 14.79
CA VAL A 115 -0.15 2.45 14.11
C VAL A 115 -0.26 3.71 13.22
N GLY A 116 -0.90 3.56 12.07
CA GLY A 116 -1.15 4.69 11.18
C GLY A 116 -2.63 4.91 11.03
N ALA A 117 -3.01 6.06 10.48
CA ALA A 117 -4.42 6.35 10.28
C ALA A 117 -4.60 7.26 9.07
N ALA A 118 -5.63 6.99 8.29
CA ALA A 118 -5.89 7.78 7.08
C ALA A 118 -6.63 9.09 7.39
N VAL A 119 -6.27 10.15 6.68
CA VAL A 119 -7.07 11.37 6.68
C VAL A 119 -7.23 11.87 5.25
N GLY A 120 -8.34 12.57 4.99
CA GLY A 120 -8.59 13.13 3.66
C GLY A 120 -8.06 14.53 3.52
N VAL A 121 -8.64 15.32 2.62
CA VAL A 121 -8.24 16.71 2.50
C VAL A 121 -9.48 17.61 2.56
N GLY A 122 -10.59 17.02 2.98
CA GLY A 122 -11.85 17.74 3.11
C GLY A 122 -11.88 18.67 4.31
N ASP A 123 -13.07 19.20 4.61
CA ASP A 123 -13.21 20.23 5.63
C ASP A 123 -12.87 19.73 7.03
N ASP A 124 -13.19 18.46 7.28
CA ASP A 124 -12.98 17.87 8.61
C ASP A 124 -11.64 17.16 8.76
N ALA A 125 -10.81 17.22 7.72
CA ALA A 125 -9.56 16.47 7.68
C ALA A 125 -8.52 16.97 8.67
N TRP A 126 -8.40 18.29 8.80
CA TRP A 126 -7.42 18.83 9.73
C TRP A 126 -7.76 18.48 11.18
N GLU A 127 -9.03 18.62 11.54
CA GLU A 127 -9.47 18.27 12.89
C GLU A 127 -9.28 16.78 13.14
N ARG A 128 -9.55 15.98 12.11
CA ARG A 128 -9.32 14.54 12.21
C ARG A 128 -7.84 14.27 12.51
N ALA A 129 -6.96 14.88 11.73
CA ALA A 129 -5.51 14.69 11.92
C ALA A 129 -5.04 15.12 13.33
N MET A 130 -5.64 16.16 13.89
CA MET A 130 -5.19 16.62 15.21
C MET A 130 -5.68 15.68 16.30
N ALA A 131 -6.90 15.17 16.15
CA ALA A 131 -7.44 14.21 17.11
C ALA A 131 -6.64 12.92 17.07
N LEU A 132 -6.15 12.56 15.88
CA LEU A 132 -5.33 11.38 15.73
C LEU A 132 -3.97 11.61 16.38
N ARG A 133 -3.41 12.80 16.18
CA ARG A 133 -2.15 13.15 16.84
C ARG A 133 -2.31 13.08 18.35
N ASP A 134 -3.40 13.64 18.85
CA ASP A 134 -3.69 13.61 20.29
C ASP A 134 -3.83 12.18 20.80
N ALA A 135 -4.31 11.28 19.94
CA ALA A 135 -4.51 9.89 20.32
C ALA A 135 -3.19 9.10 20.31
N GLY A 136 -2.14 9.69 19.76
CA GLY A 136 -0.82 9.09 19.76
C GLY A 136 -0.47 8.33 18.48
N VAL A 137 -1.09 8.70 17.36
CA VAL A 137 -0.79 8.02 16.09
C VAL A 137 0.67 8.25 15.70
N ASP A 138 1.27 7.29 15.01
CA ASP A 138 2.67 7.39 14.59
C ASP A 138 2.79 7.86 13.15
N VAL A 139 1.79 7.50 12.35
CA VAL A 139 1.80 7.80 10.91
C VAL A 139 0.46 8.36 10.47
N LEU A 140 0.47 9.50 9.81
CA LEU A 140 -0.74 10.02 9.19
C LEU A 140 -0.61 9.76 7.70
N VAL A 141 -1.63 9.14 7.13
CA VAL A 141 -1.65 8.86 5.71
C VAL A 141 -2.66 9.77 5.03
N VAL A 142 -2.16 10.77 4.28
CA VAL A 142 -3.04 11.60 3.47
C VAL A 142 -3.51 10.72 2.34
N ASP A 143 -4.78 10.35 2.41
CA ASP A 143 -5.37 9.21 1.73
C ASP A 143 -6.29 9.63 0.59
N THR A 144 -5.73 9.78 -0.61
CA THR A 144 -6.53 10.20 -1.76
C THR A 144 -6.29 9.30 -2.98
N ALA A 145 -7.13 9.48 -4.00
CA ALA A 145 -7.00 8.74 -5.25
C ALA A 145 -6.10 9.48 -6.23
N HIS A 146 -5.77 10.72 -5.91
CA HIS A 146 -4.98 11.54 -6.82
C HIS A 146 -4.25 12.65 -6.07
N ALA A 147 -3.01 12.38 -5.69
CA ALA A 147 -2.28 13.31 -4.84
C ALA A 147 -1.64 14.46 -5.60
N HIS A 148 -1.63 14.39 -6.94
CA HIS A 148 -1.04 15.47 -7.72
C HIS A 148 -2.01 16.64 -7.85
N ASN A 149 -2.16 17.38 -6.77
CA ASN A 149 -3.24 18.31 -6.62
C ASN A 149 -2.84 19.27 -5.50
N ARG A 150 -3.06 20.57 -5.69
CA ARG A 150 -2.57 21.57 -4.75
C ARG A 150 -3.11 21.37 -3.35
N LYS A 151 -4.38 20.98 -3.24
CA LYS A 151 -4.99 20.75 -1.93
C LYS A 151 -4.30 19.59 -1.19
N VAL A 152 -4.01 18.51 -1.91
CA VAL A 152 -3.36 17.37 -1.26
C VAL A 152 -1.92 17.72 -0.86
N LEU A 153 -1.20 18.38 -1.77
CA LEU A 153 0.18 18.75 -1.50
C LEU A 153 0.24 19.72 -0.31
N ASP A 154 -0.72 20.62 -0.24
CA ASP A 154 -0.79 21.59 0.86
C ASP A 154 -1.06 20.93 2.20
N MET A 155 -1.92 19.91 2.20
CA MET A 155 -2.23 19.17 3.41
C MET A 155 -0.99 18.42 3.90
N VAL A 156 -0.29 17.77 2.97
CA VAL A 156 0.93 17.07 3.32
C VAL A 156 1.93 18.04 3.97
N HIS A 157 2.15 19.18 3.31
CA HIS A 157 3.10 20.18 3.78
C HIS A 157 2.70 20.76 5.14
N ARG A 158 1.44 21.08 5.29
CA ARG A 158 0.97 21.61 6.54
C ARG A 158 1.15 20.64 7.67
N LEU A 159 0.81 19.39 7.44
CA LEU A 159 1.01 18.39 8.48
C LEU A 159 2.48 18.26 8.85
N LYS A 160 3.34 18.16 7.83
CA LYS A 160 4.75 17.97 8.07
C LYS A 160 5.36 19.15 8.84
N THR A 161 4.88 20.36 8.56
CA THR A 161 5.42 21.53 9.25
C THR A 161 4.83 21.71 10.64
N THR A 162 3.65 21.13 10.89
CA THR A 162 2.94 21.31 12.14
C THR A 162 3.25 20.20 13.14
N VAL A 163 3.18 18.95 12.70
CA VAL A 163 3.35 17.83 13.63
C VAL A 163 4.44 16.87 13.17
N GLY A 164 5.23 17.31 12.20
CA GLY A 164 6.20 16.45 11.53
C GLY A 164 7.40 16.02 12.34
N ASP A 165 7.59 16.62 13.52
CA ASP A 165 8.67 16.19 14.39
C ASP A 165 8.31 14.89 15.11
N GLU A 166 7.03 14.69 15.39
CA GLU A 166 6.58 13.54 16.16
C GLU A 166 5.82 12.52 15.32
N ILE A 167 5.33 12.95 14.16
CA ILE A 167 4.51 12.10 13.32
C ILE A 167 5.05 12.07 11.89
N GLU A 168 5.09 10.89 11.30
CA GLU A 168 5.50 10.75 9.90
C GLU A 168 4.31 10.88 8.97
N VAL A 169 4.49 11.58 7.86
CA VAL A 169 3.40 11.91 6.96
C VAL A 169 3.55 11.22 5.61
N VAL A 170 2.61 10.33 5.31
CA VAL A 170 2.59 9.65 4.02
C VAL A 170 1.62 10.37 3.10
N GLY A 171 2.00 10.54 1.83
CA GLY A 171 1.10 11.08 0.83
C GLY A 171 0.84 10.10 -0.31
N GLY A 172 -0.39 10.11 -0.83
CA GLY A 172 -0.72 9.25 -1.96
C GLY A 172 -2.15 9.51 -2.40
N ASN A 173 -2.59 8.87 -3.47
CA ASN A 173 -1.75 7.96 -4.27
C ASN A 173 -1.30 8.60 -5.55
N VAL A 174 -0.19 8.12 -6.11
CA VAL A 174 0.32 8.62 -7.37
C VAL A 174 0.66 7.48 -8.31
N ALA A 175 0.87 7.79 -9.59
CA ALA A 175 1.26 6.74 -10.53
C ALA A 175 2.24 7.24 -11.59
N THR A 176 2.76 8.45 -11.39
CA THR A 176 3.70 9.05 -12.32
C THR A 176 4.89 9.61 -11.57
N ARG A 177 5.99 9.77 -12.27
CA ARG A 177 7.19 10.34 -11.71
C ARG A 177 6.96 11.77 -11.23
N ALA A 178 6.28 12.58 -12.04
CA ALA A 178 6.06 13.98 -11.70
C ALA A 178 5.22 14.15 -10.44
N ALA A 179 4.22 13.29 -10.27
CA ALA A 179 3.36 13.35 -9.10
C ALA A 179 4.15 12.96 -7.85
N ALA A 180 4.93 11.90 -7.95
CA ALA A 180 5.79 11.50 -6.83
C ALA A 180 6.75 12.64 -6.47
N ALA A 181 7.32 13.28 -7.49
CA ALA A 181 8.24 14.40 -7.25
C ALA A 181 7.57 15.54 -6.50
N ALA A 182 6.32 15.82 -6.85
CA ALA A 182 5.57 16.89 -6.18
C ALA A 182 5.36 16.58 -4.71
N LEU A 183 5.05 15.32 -4.40
CA LEU A 183 4.86 14.91 -3.01
C LEU A 183 6.16 15.02 -2.21
N VAL A 184 7.26 14.61 -2.82
CA VAL A 184 8.56 14.75 -2.19
C VAL A 184 8.84 16.22 -1.85
N GLU A 185 8.56 17.04 -2.80
CA GLU A 185 8.81 18.45 -2.58
C GLU A 185 7.91 19.07 -1.50
N ALA A 186 6.72 18.51 -1.36
CA ALA A 186 5.76 18.97 -0.36
C ALA A 186 6.17 18.53 1.06
N GLY A 187 7.06 17.55 1.15
CA GLY A 187 7.61 17.13 2.42
C GLY A 187 7.24 15.71 2.84
N ALA A 188 6.66 14.94 1.92
CA ALA A 188 6.22 13.59 2.25
C ALA A 188 7.34 12.74 2.82
N ASP A 189 7.01 11.96 3.86
CA ASP A 189 7.97 11.05 4.45
C ASP A 189 7.93 9.69 3.76
N ALA A 190 6.89 9.49 2.96
CA ALA A 190 6.78 8.32 2.11
C ALA A 190 5.77 8.64 1.02
N VAL A 191 5.90 7.99 -0.13
CA VAL A 191 4.97 8.21 -1.22
C VAL A 191 4.27 6.90 -1.57
N LYS A 192 2.93 6.92 -1.62
CA LYS A 192 2.17 5.70 -1.87
C LYS A 192 1.74 5.67 -3.32
N VAL A 193 1.99 4.54 -3.97
CA VAL A 193 1.82 4.43 -5.41
C VAL A 193 0.71 3.44 -5.74
N GLY A 194 -0.21 3.87 -6.59
CA GLY A 194 -1.29 3.02 -7.05
C GLY A 194 -2.49 3.84 -7.46
N VAL A 195 -2.67 4.02 -8.76
CA VAL A 195 -3.89 4.62 -9.29
C VAL A 195 -4.51 3.63 -10.27
N GLY A 196 -5.60 3.00 -9.83
CA GLY A 196 -6.27 1.98 -10.62
C GLY A 196 -5.97 0.49 -10.48
N PRO A 197 -4.95 0.09 -9.69
CA PRO A 197 -4.63 -1.35 -9.74
C PRO A 197 -5.41 -2.22 -8.75
N GLY A 198 -6.13 -1.63 -7.80
CA GLY A 198 -6.77 -2.42 -6.75
C GLY A 198 -7.69 -3.51 -7.28
N SER A 199 -7.73 -4.62 -6.57
CA SER A 199 -8.55 -5.76 -7.00
C SER A 199 -10.02 -5.40 -7.10
N ILE A 200 -10.48 -4.48 -6.26
CA ILE A 200 -11.88 -4.05 -6.25
C ILE A 200 -12.09 -2.71 -6.95
N CYS A 201 -11.08 -2.30 -7.72
CA CYS A 201 -11.10 -1.01 -8.39
CA CYS A 201 -11.10 -1.01 -8.39
C CYS A 201 -11.82 -1.05 -9.74
N THR A 202 -12.65 -0.05 -10.01
CA THR A 202 -13.24 0.05 -11.34
C THR A 202 -12.90 1.37 -12.02
N THR A 203 -11.96 2.12 -11.46
CA THR A 203 -11.51 3.36 -12.07
C THR A 203 -11.04 3.17 -13.50
N ARG A 204 -10.41 2.04 -13.74
N ARG A 204 -10.41 2.04 -13.74
CA ARG A 204 -9.92 1.74 -15.04
CA ARG A 204 -9.93 1.73 -15.05
C ARG A 204 -11.08 1.65 -16.06
C ARG A 204 -11.11 1.71 -16.06
N VAL A 205 -12.20 1.10 -15.68
CA VAL A 205 -13.31 1.00 -16.61
C VAL A 205 -14.24 2.17 -16.57
N VAL A 206 -14.37 2.79 -15.42
CA VAL A 206 -15.31 3.90 -15.25
C VAL A 206 -14.74 5.20 -15.79
N ALA A 207 -13.49 5.48 -15.46
CA ALA A 207 -12.84 6.72 -15.90
C ALA A 207 -11.88 6.46 -17.06
N GLY A 208 -11.48 5.21 -17.26
CA GLY A 208 -10.50 4.88 -18.29
C GLY A 208 -9.09 5.30 -17.88
N VAL A 209 -8.88 5.46 -16.58
CA VAL A 209 -7.63 5.99 -16.04
C VAL A 209 -6.91 4.94 -15.24
N GLY A 210 -5.59 4.87 -15.38
CA GLY A 210 -4.80 3.97 -14.57
C GLY A 210 -3.36 3.94 -15.03
N ALA A 211 -2.56 3.16 -14.32
CA ALA A 211 -1.16 2.96 -14.65
C ALA A 211 -0.75 1.61 -14.10
N PRO A 212 -0.36 0.67 -14.98
CA PRO A 212 0.13 -0.64 -14.52
C PRO A 212 1.21 -0.49 -13.46
N GLN A 213 1.16 -1.34 -12.44
CA GLN A 213 1.86 -1.07 -11.19
C GLN A 213 3.38 -1.22 -11.22
N ILE A 214 3.93 -2.11 -12.04
CA ILE A 214 5.39 -2.22 -12.08
C ILE A 214 5.98 -0.93 -12.64
N THR A 215 5.41 -0.45 -13.75
CA THR A 215 5.87 0.79 -14.37
C THR A 215 5.64 1.99 -13.44
N ALA A 216 4.49 2.02 -12.76
CA ALA A 216 4.19 3.12 -11.85
C ALA A 216 5.21 3.16 -10.69
N ILE A 217 5.55 2.00 -10.15
CA ILE A 217 6.57 1.93 -9.11
C ILE A 217 7.94 2.35 -9.64
N LEU A 218 8.33 1.89 -10.83
CA LEU A 218 9.62 2.25 -11.39
C LEU A 218 9.73 3.77 -11.57
N GLU A 219 8.67 4.36 -12.09
CA GLU A 219 8.64 5.80 -12.27
C GLU A 219 8.62 6.57 -10.94
N ALA A 220 7.84 6.12 -9.96
CA ALA A 220 7.79 6.83 -8.68
C ALA A 220 9.12 6.74 -7.95
N VAL A 221 9.73 5.56 -8.00
CA VAL A 221 11.00 5.34 -7.33
C VAL A 221 12.09 6.22 -7.93
N ALA A 222 12.03 6.43 -9.25
CA ALA A 222 12.97 7.30 -9.94
C ALA A 222 12.92 8.74 -9.39
N ALA A 223 11.76 9.15 -8.88
CA ALA A 223 11.64 10.48 -8.28
C ALA A 223 11.92 10.48 -6.78
N CYS A 224 11.62 9.38 -6.12
CA CYS A 224 11.66 9.30 -4.67
C CYS A 224 12.98 8.81 -4.09
N ALA A 225 13.54 7.75 -4.67
CA ALA A 225 14.80 7.20 -4.16
C ALA A 225 15.94 8.23 -4.10
N PRO A 226 16.08 9.09 -5.14
CA PRO A 226 17.20 10.03 -5.03
C PRO A 226 17.04 11.03 -3.89
N HIS A 227 15.85 11.12 -3.31
CA HIS A 227 15.62 12.01 -2.18
C HIS A 227 15.48 11.24 -0.88
N GLY A 228 15.71 9.93 -0.92
CA GLY A 228 15.66 9.10 0.28
C GLY A 228 14.25 8.92 0.82
N VAL A 229 13.25 9.07 -0.05
CA VAL A 229 11.87 8.91 0.33
C VAL A 229 11.36 7.52 -0.10
N PRO A 230 10.91 6.70 0.86
CA PRO A 230 10.45 5.36 0.50
C PRO A 230 9.12 5.37 -0.25
N VAL A 231 8.97 4.40 -1.12
CA VAL A 231 7.74 4.18 -1.89
C VAL A 231 6.97 2.98 -1.33
N ILE A 232 5.67 3.20 -1.06
CA ILE A 232 4.75 2.15 -0.65
C ILE A 232 3.95 1.70 -1.87
N ALA A 233 4.05 0.43 -2.24
CA ALA A 233 3.29 -0.11 -3.37
C ALA A 233 1.90 -0.51 -2.90
N ASP A 234 0.88 0.15 -3.42
CA ASP A 234 -0.48 0.00 -2.92
C ASP A 234 -1.45 -0.44 -4.01
N GLY A 235 -1.89 -1.70 -3.94
CA GLY A 235 -2.91 -2.17 -4.85
C GLY A 235 -2.39 -3.10 -5.91
N GLY A 236 -3.19 -4.11 -6.23
CA GLY A 236 -2.87 -5.01 -7.32
C GLY A 236 -2.06 -6.23 -6.93
N LEU A 237 -1.67 -6.32 -5.66
CA LEU A 237 -0.88 -7.47 -5.20
C LEU A 237 -1.82 -8.65 -4.91
N GLN A 238 -1.65 -9.72 -5.69
CA GLN A 238 -2.54 -10.89 -5.64
C GLN A 238 -1.88 -12.12 -5.01
N TYR A 239 -0.56 -12.17 -5.09
CA TYR A 239 0.20 -13.32 -4.60
C TYR A 239 1.40 -12.83 -3.80
N SER A 240 1.92 -13.69 -2.92
CA SER A 240 3.13 -13.37 -2.18
C SER A 240 4.25 -12.97 -3.13
N GLY A 241 4.29 -13.57 -4.32
CA GLY A 241 5.32 -13.23 -5.30
C GLY A 241 5.25 -11.79 -5.78
N ASP A 242 4.04 -11.22 -5.79
CA ASP A 242 3.89 -9.82 -6.19
C ASP A 242 4.57 -8.88 -5.21
N ILE A 243 4.67 -9.29 -3.94
CA ILE A 243 5.33 -8.46 -2.94
C ILE A 243 6.81 -8.36 -3.30
N ALA A 244 7.42 -9.49 -3.61
CA ALA A 244 8.82 -9.50 -4.03
C ALA A 244 9.02 -8.65 -5.28
N LYS A 245 8.12 -8.78 -6.25
CA LYS A 245 8.21 -7.99 -7.47
C LYS A 245 8.10 -6.50 -7.18
N ALA A 246 7.16 -6.12 -6.33
CA ALA A 246 6.99 -4.69 -6.03
C ALA A 246 8.24 -4.12 -5.38
N LEU A 247 8.81 -4.85 -4.44
CA LEU A 247 10.03 -4.40 -3.75
C LEU A 247 11.22 -4.36 -4.71
N ALA A 248 11.32 -5.35 -5.59
CA ALA A 248 12.43 -5.33 -6.54
C ALA A 248 12.31 -4.16 -7.51
N ALA A 249 11.08 -3.75 -7.82
CA ALA A 249 10.86 -2.59 -8.70
C ALA A 249 11.29 -1.30 -7.99
N GLY A 250 11.53 -1.39 -6.69
CA GLY A 250 12.07 -0.25 -5.97
C GLY A 250 11.25 0.18 -4.77
N ALA A 251 10.06 -0.39 -4.61
CA ALA A 251 9.24 -0.07 -3.44
C ALA A 251 9.91 -0.55 -2.14
N SER A 252 9.57 0.11 -1.04
CA SER A 252 10.15 -0.24 0.25
C SER A 252 9.17 -1.05 1.07
N THR A 253 7.88 -0.83 0.86
CA THR A 253 6.86 -1.64 1.50
C THR A 253 5.71 -1.85 0.53
N ALA A 254 4.83 -2.76 0.90
CA ALA A 254 3.63 -3.03 0.12
C ALA A 254 2.41 -2.88 1.01
N MET A 255 1.35 -2.29 0.48
CA MET A 255 0.08 -2.19 1.18
C MET A 255 -0.89 -3.18 0.57
N LEU A 256 -1.54 -3.96 1.43
CA LEU A 256 -2.38 -5.05 0.98
C LEU A 256 -3.81 -4.90 1.45
N GLY A 257 -4.75 -5.11 0.53
CA GLY A 257 -6.15 -5.06 0.85
C GLY A 257 -6.72 -6.46 0.73
N SER A 258 -6.89 -6.91 -0.50
CA SER A 258 -7.50 -8.21 -0.78
CA SER A 258 -7.52 -8.20 -0.76
C SER A 258 -6.82 -9.36 -0.06
N LEU A 259 -5.49 -9.33 -0.04
CA LEU A 259 -4.74 -10.42 0.57
C LEU A 259 -4.96 -10.51 2.08
N LEU A 260 -5.43 -9.44 2.69
CA LEU A 260 -5.66 -9.44 4.15
C LEU A 260 -7.14 -9.39 4.52
N ALA A 261 -8.01 -9.19 3.53
CA ALA A 261 -9.43 -9.02 3.81
C ALA A 261 -10.10 -10.33 4.23
N GLY A 262 -9.51 -11.45 3.86
CA GLY A 262 -10.08 -12.74 4.22
C GLY A 262 -9.70 -13.25 5.59
N THR A 263 -8.97 -12.44 6.37
CA THR A 263 -8.42 -12.92 7.64
C THR A 263 -9.37 -12.70 8.80
N ALA A 264 -9.17 -13.50 9.84
CA ALA A 264 -10.02 -13.40 11.03
C ALA A 264 -10.07 -11.99 11.61
N GLU A 265 -8.96 -11.27 11.51
CA GLU A 265 -8.82 -9.96 12.14
C GLU A 265 -9.44 -8.81 11.36
N SER A 266 -9.81 -9.06 10.11
CA SER A 266 -10.47 -8.03 9.32
C SER A 266 -11.88 -7.79 9.87
N PRO A 267 -12.44 -6.58 9.64
CA PRO A 267 -13.83 -6.35 10.05
C PRO A 267 -14.78 -7.22 9.25
N GLY A 268 -15.97 -7.47 9.78
CA GLY A 268 -16.98 -8.16 9.00
C GLY A 268 -17.22 -9.60 9.41
N GLU A 269 -18.39 -10.10 9.04
CA GLU A 269 -18.79 -11.45 9.42
C GLU A 269 -18.34 -12.47 8.38
N LEU A 270 -18.33 -13.73 8.79
CA LEU A 270 -18.10 -14.83 7.88
C LEU A 270 -19.32 -15.00 6.98
N ILE A 271 -19.09 -15.27 5.70
CA ILE A 271 -20.18 -15.51 4.76
C ILE A 271 -20.08 -16.88 4.12
N LEU A 272 -21.18 -17.63 4.17
CA LEU A 272 -21.19 -18.97 3.61
C LEU A 272 -21.98 -19.00 2.31
N VAL A 273 -21.30 -19.27 1.20
CA VAL A 273 -22.00 -19.47 -0.06
C VAL A 273 -21.47 -20.72 -0.76
N ASN A 274 -22.40 -21.55 -1.22
CA ASN A 274 -22.09 -22.82 -1.87
C ASN A 274 -21.14 -23.70 -1.06
N GLY A 275 -21.29 -23.67 0.27
CA GLY A 275 -20.53 -24.53 1.14
C GLY A 275 -19.11 -24.05 1.42
N LYS A 276 -18.75 -22.89 0.87
CA LYS A 276 -17.42 -22.34 1.11
C LYS A 276 -17.53 -21.04 1.90
N GLN A 277 -16.46 -20.71 2.62
CA GLN A 277 -16.45 -19.53 3.48
C GLN A 277 -15.77 -18.33 2.84
N PHE A 278 -16.40 -17.18 3.01
CA PHE A 278 -15.92 -15.91 2.44
C PHE A 278 -16.07 -14.78 3.47
N LYS A 279 -15.41 -13.67 3.20
CA LYS A 279 -15.72 -12.43 3.91
C LYS A 279 -15.96 -11.35 2.87
N SER A 280 -16.76 -10.36 3.25
CA SER A 280 -17.01 -9.23 2.39
C SER A 280 -15.76 -8.37 2.25
N TYR A 281 -15.52 -7.91 1.03
CA TYR A 281 -14.42 -7.01 0.76
C TYR A 281 -14.91 -5.99 -0.25
N ARG A 282 -14.81 -4.71 0.08
CA ARG A 282 -15.40 -3.70 -0.77
C ARG A 282 -14.51 -2.50 -0.94
N GLY A 283 -14.56 -1.88 -2.11
CA GLY A 283 -13.82 -0.66 -2.31
C GLY A 283 -14.35 0.48 -1.45
N MET A 284 -13.48 1.42 -1.11
CA MET A 284 -13.92 2.62 -0.42
C MET A 284 -14.66 3.58 -1.36
N GLY A 285 -14.63 3.25 -2.65
CA GLY A 285 -15.36 4.00 -3.65
C GLY A 285 -16.60 3.26 -4.15
N SER A 286 -16.96 2.17 -3.49
CA SER A 286 -18.16 1.43 -3.84
C SER A 286 -19.38 2.13 -3.29
N LEU A 287 -20.54 1.75 -3.79
CA LEU A 287 -21.75 2.42 -3.40
C LEU A 287 -21.96 2.26 -1.92
N GLY A 288 -21.75 1.06 -1.44
CA GLY A 288 -21.97 0.78 -0.07
C GLY A 288 -21.06 1.45 0.91
N ALA A 289 -19.84 1.68 0.50
CA ALA A 289 -18.88 2.40 1.33
C ALA A 289 -19.16 3.90 1.34
N MET A 290 -19.65 4.42 0.21
CA MET A 290 -19.94 5.84 0.12
C MET A 290 -21.27 6.15 0.79
N GLN A 291 -22.12 5.14 0.93
CA GLN A 291 -23.41 5.32 1.60
C GLN A 291 -23.39 4.76 3.02
N VAL A 316 -21.41 8.05 -8.68
CA VAL A 316 -20.61 7.32 -9.67
C VAL A 316 -19.47 6.55 -8.99
N PRO A 317 -19.72 5.28 -8.67
CA PRO A 317 -18.74 4.48 -7.92
C PRO A 317 -17.52 4.07 -8.72
N GLU A 318 -16.39 4.01 -8.04
CA GLU A 318 -15.14 3.59 -8.65
C GLU A 318 -14.58 2.35 -7.96
N GLY A 319 -15.46 1.61 -7.30
CA GLY A 319 -15.08 0.34 -6.69
C GLY A 319 -16.28 -0.57 -6.59
N ILE A 320 -16.04 -1.87 -6.43
CA ILE A 320 -17.12 -2.84 -6.27
C ILE A 320 -17.19 -3.36 -4.85
N GLU A 321 -18.32 -3.99 -4.54
CA GLU A 321 -18.49 -4.71 -3.29
C GLU A 321 -18.38 -6.19 -3.61
N GLY A 322 -17.37 -6.87 -3.08
CA GLY A 322 -17.15 -8.26 -3.41
C GLY A 322 -16.94 -9.20 -2.22
N ARG A 323 -16.43 -10.39 -2.51
CA ARG A 323 -16.09 -11.35 -1.46
C ARG A 323 -14.73 -11.97 -1.75
N VAL A 324 -14.01 -12.30 -0.69
CA VAL A 324 -12.74 -12.98 -0.80
C VAL A 324 -12.82 -14.23 0.07
N PRO A 325 -12.11 -15.30 -0.31
CA PRO A 325 -12.13 -16.50 0.52
C PRO A 325 -11.61 -16.22 1.92
N PHE A 326 -12.23 -16.86 2.91
CA PHE A 326 -11.76 -16.77 4.28
C PHE A 326 -10.42 -17.46 4.40
N ARG A 327 -9.45 -16.79 5.01
CA ARG A 327 -8.07 -17.27 5.04
C ARG A 327 -7.53 -17.60 6.43
N GLY A 328 -8.33 -17.40 7.47
CA GLY A 328 -7.88 -17.74 8.81
C GLY A 328 -7.14 -16.60 9.49
N PRO A 329 -6.31 -16.92 10.49
CA PRO A 329 -5.65 -15.91 11.31
C PRO A 329 -4.65 -15.07 10.51
N LEU A 330 -4.55 -13.78 10.81
CA LEU A 330 -3.60 -12.91 10.12
C LEU A 330 -2.17 -13.43 10.23
N SER A 331 -1.80 -13.85 11.44
CA SER A 331 -0.44 -14.34 11.71
C SER A 331 0.00 -15.37 10.68
N THR A 332 -0.91 -16.29 10.36
CA THR A 332 -0.61 -17.34 9.39
C THR A 332 -0.52 -16.82 7.94
N VAL A 333 -1.39 -15.89 7.57
CA VAL A 333 -1.33 -15.31 6.23
C VAL A 333 -0.02 -14.55 6.05
N ILE A 334 0.35 -13.74 7.05
CA ILE A 334 1.60 -12.99 6.99
C ILE A 334 2.80 -13.93 6.93
N HIS A 335 2.75 -15.04 7.68
CA HIS A 335 3.83 -16.02 7.61
C HIS A 335 4.04 -16.52 6.19
N GLN A 336 2.95 -16.88 5.52
CA GLN A 336 3.03 -17.39 4.15
C GLN A 336 3.52 -16.31 3.19
N LEU A 337 3.03 -15.08 3.38
CA LEU A 337 3.43 -13.99 2.51
C LEU A 337 4.92 -13.68 2.70
N VAL A 338 5.36 -13.57 3.94
CA VAL A 338 6.78 -13.30 4.20
C VAL A 338 7.62 -14.51 3.76
N GLY A 339 7.05 -15.70 3.85
CA GLY A 339 7.72 -16.91 3.39
C GLY A 339 8.07 -16.84 1.91
N GLY A 340 7.13 -16.34 1.11
CA GLY A 340 7.35 -16.15 -0.32
C GLY A 340 8.41 -15.09 -0.59
N LEU A 341 8.33 -13.97 0.14
CA LEU A 341 9.34 -12.92 0.04
C LEU A 341 10.72 -13.46 0.37
N ARG A 342 10.81 -14.23 1.46
CA ARG A 342 12.08 -14.83 1.85
C ARG A 342 12.63 -15.74 0.74
N ALA A 343 11.74 -16.49 0.11
CA ALA A 343 12.16 -17.39 -0.96
C ALA A 343 12.74 -16.58 -2.11
N ALA A 344 12.08 -15.48 -2.45
CA ALA A 344 12.58 -14.58 -3.49
C ALA A 344 13.94 -14.00 -3.14
N MET A 345 14.13 -13.64 -1.87
CA MET A 345 15.42 -13.09 -1.47
C MET A 345 16.49 -14.16 -1.59
N GLY A 346 16.13 -15.41 -1.29
CA GLY A 346 17.01 -16.54 -1.52
C GLY A 346 17.43 -16.69 -2.98
N TYR A 347 16.45 -16.68 -3.89
CA TYR A 347 16.75 -16.87 -5.30
C TYR A 347 17.55 -15.73 -5.91
N THR A 348 17.38 -14.52 -5.40
CA THR A 348 17.99 -13.36 -6.00
C THR A 348 19.26 -12.94 -5.28
N GLY A 349 19.63 -13.67 -4.23
CA GLY A 349 20.83 -13.33 -3.47
C GLY A 349 20.72 -12.00 -2.77
N SER A 350 19.52 -11.68 -2.30
CA SER A 350 19.27 -10.43 -1.60
C SER A 350 19.28 -10.62 -0.08
N ALA A 351 20.31 -10.13 0.60
CA ALA A 351 20.40 -10.32 2.05
C ALA A 351 19.44 -9.40 2.78
N THR A 352 19.11 -8.29 2.14
CA THR A 352 18.25 -7.25 2.73
C THR A 352 17.25 -6.75 1.68
N ILE A 353 16.29 -5.99 2.10
CA ILE A 353 15.34 -5.43 1.14
C ILE A 353 16.01 -4.46 0.18
N GLU A 354 16.94 -3.69 0.73
CA GLU A 354 17.73 -2.78 -0.03
C GLU A 354 18.45 -3.48 -1.15
N GLU A 355 18.95 -4.68 -0.91
CA GLU A 355 19.53 -5.47 -1.99
C GLU A 355 18.49 -5.97 -3.01
N LEU A 356 17.36 -6.40 -2.50
CA LEU A 356 16.27 -6.86 -3.36
C LEU A 356 15.82 -5.77 -4.33
N GLN A 357 15.85 -4.52 -3.88
CA GLN A 357 15.51 -3.38 -4.72
C GLN A 357 16.46 -3.23 -5.91
N GLN A 358 17.54 -4.00 -5.95
CA GLN A 358 18.47 -3.91 -7.06
C GLN A 358 18.36 -5.12 -8.00
N ALA A 359 17.43 -6.02 -7.71
CA ALA A 359 17.27 -7.24 -8.51
C ALA A 359 16.76 -6.94 -9.93
N GLN A 360 16.92 -7.88 -10.86
CA GLN A 360 16.49 -7.68 -12.24
C GLN A 360 15.30 -8.54 -12.61
N PHE A 361 14.51 -8.05 -13.56
CA PHE A 361 13.34 -8.74 -14.07
C PHE A 361 13.58 -9.35 -15.44
N VAL A 362 12.80 -10.38 -15.77
CA VAL A 362 12.59 -10.77 -17.16
C VAL A 362 11.14 -10.47 -17.51
N GLN A 363 10.90 -9.88 -18.68
CA GLN A 363 9.52 -9.63 -19.10
C GLN A 363 8.98 -10.89 -19.78
N ILE A 364 7.75 -11.27 -19.49
CA ILE A 364 7.20 -12.49 -20.08
C ILE A 364 6.04 -12.19 -21.02
N THR A 365 5.69 -13.18 -21.82
CA THR A 365 4.60 -13.03 -22.76
C THR A 365 3.32 -13.60 -22.18
N ALA A 366 2.21 -13.43 -22.89
CA ALA A 366 0.93 -13.99 -22.50
C ALA A 366 1.01 -15.51 -22.29
N ALA A 367 1.79 -16.19 -23.12
CA ALA A 367 1.92 -17.63 -23.02
C ALA A 367 2.58 -18.07 -21.72
N GLY A 368 3.58 -17.31 -21.28
CA GLY A 368 4.32 -17.64 -20.08
C GLY A 368 3.50 -17.47 -18.81
#